data_8CBT
#
_entry.id   8CBT
#
_cell.length_a   53.306
_cell.length_b   64.470
_cell.length_c   70.702
_cell.angle_alpha   90.000
_cell.angle_beta   101.660
_cell.angle_gamma   90.000
#
_symmetry.space_group_name_H-M   'P 1 21 1'
#
loop_
_entity.id
_entity.type
_entity.pdbx_description
1 polymer Integrase
2 non-polymer '(2~{S})-2-[3-cyclopropyl-2-(3,4-dihydro-2~{H}-chromen-6-yl)-6-methyl-phenyl]-2-cyclopropyloxy-ethanoic acid'
3 non-polymer 1,2-ETHANEDIOL
4 non-polymer 'MAGNESIUM ION'
5 non-polymer DI(HYDROXYETHYL)ETHER
6 non-polymer 'CHLORIDE ION'
7 water water
#
_entity_poly.entity_id   1
_entity_poly.type   'polypeptide(L)'
_entity_poly.pdbx_seq_one_letter_code
;SIQNFRVYYRDSRDPVWKGPAKLLEKGEGAVVIQDNSDIKVVPRRKAKIIRDYGKQMAGDDCVASRQDEDMHGQVDCSPG
IWQLDCTHLEGKVILVAVHVASGYIEAEVIPAETGQETAYFLLKLAGRWPVKTVHTDNGSNFTSTTVKAACWWAGIKQEF
GIPYNPQSQGVIESMNKELKKIIGQVRDQAEHLKTAVQMAVFIHNKKRKGGIGGYSAGERIVDIIATDIQTKE
;
_entity_poly.pdbx_strand_id   A,B,C,D
#
# COMPACT_ATOMS: atom_id res chain seq x y z
N PHE A 5 23.23 14.66 4.51
CA PHE A 5 24.44 14.05 5.06
C PHE A 5 24.94 12.90 4.18
N ARG A 6 24.18 12.58 3.15
CA ARG A 6 24.59 11.62 2.13
C ARG A 6 24.18 12.16 0.77
N VAL A 7 25.11 12.13 -0.18
CA VAL A 7 24.88 12.68 -1.52
C VAL A 7 24.98 11.55 -2.53
N TYR A 8 23.94 11.39 -3.33
CA TYR A 8 23.96 10.56 -4.52
C TYR A 8 23.91 11.46 -5.76
N TYR A 9 24.66 11.09 -6.80
CA TYR A 9 24.82 11.99 -7.93
C TYR A 9 24.97 11.17 -9.21
N ARG A 10 24.90 11.89 -10.34
CA ARG A 10 25.06 11.30 -11.65
C ARG A 10 26.16 12.06 -12.39
N ASP A 11 27.10 11.32 -12.97
CA ASP A 11 28.19 11.92 -13.73
C ASP A 11 27.99 11.67 -15.22
N ASP A 14 26.75 8.94 -17.77
CA ASP A 14 26.32 7.74 -17.05
C ASP A 14 25.06 8.03 -16.23
N PRO A 15 23.95 7.41 -16.62
CA PRO A 15 22.69 7.61 -15.88
C PRO A 15 22.63 6.88 -14.55
N VAL A 16 23.58 5.99 -14.27
CA VAL A 16 23.57 5.24 -13.01
C VAL A 16 23.90 6.19 -11.87
N TRP A 17 23.10 6.13 -10.81
CA TRP A 17 23.33 6.97 -9.64
C TRP A 17 24.58 6.52 -8.90
N LYS A 18 25.47 7.47 -8.63
CA LYS A 18 26.69 7.21 -7.88
C LYS A 18 26.50 7.58 -6.42
N GLY A 19 27.36 7.05 -5.57
CA GLY A 19 27.33 7.34 -4.15
C GLY A 19 27.36 6.10 -3.29
N PRO A 20 27.23 6.28 -1.96
CA PRO A 20 27.03 7.55 -1.25
C PRO A 20 28.31 8.36 -1.11
N ALA A 21 28.20 9.68 -1.15
CA ALA A 21 29.34 10.58 -1.01
C ALA A 21 29.12 11.52 0.16
N LYS A 22 30.22 12.07 0.67
CA LYS A 22 30.15 12.99 1.81
C LYS A 22 29.78 14.39 1.33
N LEU A 23 28.85 15.02 2.04
CA LEU A 23 28.43 16.38 1.72
C LEU A 23 29.41 17.38 2.34
N LEU A 24 30.05 18.18 1.50
CA LEU A 24 30.97 19.20 1.97
C LEU A 24 30.37 20.60 1.96
N GLU A 25 29.67 20.97 0.88
CA GLU A 25 28.99 22.25 0.81
C GLU A 25 27.84 22.14 -0.17
N LYS A 26 26.73 22.80 0.16
CA LYS A 26 25.55 22.85 -0.69
C LYS A 26 25.33 24.28 -1.15
N GLY A 27 25.65 24.55 -2.42
CA GLY A 27 25.38 25.85 -3.00
C GLY A 27 24.03 25.90 -3.70
N GLU A 28 23.74 27.07 -4.30
CA GLU A 28 22.49 27.25 -5.01
C GLU A 28 22.51 26.62 -6.40
N GLY A 29 23.69 26.36 -6.95
CA GLY A 29 23.78 25.75 -8.27
C GLY A 29 24.71 24.57 -8.33
N ALA A 30 25.44 24.30 -7.25
CA ALA A 30 26.40 23.20 -7.25
C ALA A 30 26.58 22.69 -5.84
N VAL A 31 27.09 21.45 -5.73
CA VAL A 31 27.38 20.84 -4.44
CA VAL A 31 27.37 20.82 -4.46
C VAL A 31 28.80 20.29 -4.48
N VAL A 32 29.53 20.50 -3.40
CA VAL A 32 30.88 19.99 -3.26
C VAL A 32 30.81 18.71 -2.44
N ILE A 33 31.33 17.62 -3.00
CA ILE A 33 31.25 16.32 -2.37
C ILE A 33 32.61 15.64 -2.41
N GLN A 34 32.75 14.61 -1.58
CA GLN A 34 33.88 13.71 -1.63
C GLN A 34 33.36 12.30 -1.84
N ASP A 35 33.73 11.69 -2.98
CA ASP A 35 33.42 10.31 -3.28
C ASP A 35 34.75 9.55 -3.39
N ASN A 36 34.87 8.47 -2.60
CA ASN A 36 36.13 7.75 -2.42
C ASN A 36 37.20 8.72 -1.92
N SER A 37 38.17 9.05 -2.77
CA SER A 37 39.24 9.99 -2.43
C SER A 37 39.27 11.18 -3.38
N ASP A 38 38.17 11.42 -4.08
CA ASP A 38 38.08 12.48 -5.07
C ASP A 38 37.17 13.59 -4.56
N ILE A 39 37.57 14.82 -4.81
CA ILE A 39 36.75 15.99 -4.51
C ILE A 39 35.96 16.32 -5.78
N LYS A 40 34.67 16.04 -5.78
CA LYS A 40 33.82 16.26 -6.94
C LYS A 40 32.87 17.42 -6.69
N VAL A 41 32.61 18.19 -7.75
CA VAL A 41 31.65 19.28 -7.72
C VAL A 41 30.54 18.96 -8.72
N VAL A 42 29.31 18.96 -8.24
CA VAL A 42 28.16 18.46 -9.01
C VAL A 42 27.04 19.50 -8.97
N PRO A 43 26.35 19.72 -10.08
CA PRO A 43 25.20 20.64 -10.06
C PRO A 43 24.09 20.13 -9.16
N ARG A 44 23.20 21.06 -8.77
CA ARG A 44 22.11 20.72 -7.86
C ARG A 44 21.16 19.70 -8.48
N ARG A 45 20.83 19.86 -9.76
CA ARG A 45 19.84 19.00 -10.41
C ARG A 45 20.32 17.56 -10.52
N LYS A 46 21.63 17.33 -10.46
CA LYS A 46 22.19 15.98 -10.58
C LYS A 46 22.66 15.42 -9.24
N ALA A 47 22.10 15.90 -8.13
CA ALA A 47 22.51 15.48 -6.80
C ALA A 47 21.30 15.21 -5.94
N LYS A 48 21.44 14.24 -5.02
CA LYS A 48 20.40 13.88 -4.07
C LYS A 48 20.98 14.01 -2.67
N ILE A 49 20.57 15.04 -1.94
CA ILE A 49 21.06 15.31 -0.60
C ILE A 49 20.00 14.80 0.38
N ILE A 50 20.23 13.63 0.95
CA ILE A 50 19.29 12.98 1.85
C ILE A 50 19.89 13.00 3.25
N ARG A 51 19.10 13.47 4.22
CA ARG A 51 19.55 13.52 5.60
C ARG A 51 19.30 12.19 6.30
N SER B 78 -12.70 2.13 19.06
CA SER B 78 -12.72 0.77 18.53
C SER B 78 -11.49 0.49 17.67
N PRO B 79 -10.93 -0.71 17.80
CA PRO B 79 -9.71 -1.04 17.05
C PRO B 79 -9.91 -1.17 15.54
N GLY B 80 -11.15 -1.19 15.06
CA GLY B 80 -11.39 -1.42 13.64
C GLY B 80 -12.01 -0.26 12.90
N ILE B 81 -11.92 0.94 13.47
CA ILE B 81 -12.49 2.14 12.87
C ILE B 81 -11.39 2.91 12.17
N TRP B 82 -11.62 3.25 10.90
CA TRP B 82 -10.68 4.03 10.11
C TRP B 82 -11.39 5.24 9.52
N GLN B 83 -10.61 6.29 9.26
CA GLN B 83 -11.10 7.49 8.58
C GLN B 83 -10.27 7.72 7.32
N LEU B 84 -10.94 7.93 6.20
CA LEU B 84 -10.28 8.16 4.92
C LEU B 84 -10.71 9.50 4.36
N ASP B 85 -9.77 10.18 3.70
CA ASP B 85 -10.06 11.46 3.06
C ASP B 85 -8.94 11.75 2.07
N CYS B 86 -9.23 12.65 1.13
CA CYS B 86 -8.26 13.05 0.11
C CYS B 86 -7.77 14.46 0.37
N THR B 87 -6.45 14.65 0.24
CA THR B 87 -5.83 15.96 0.27
C THR B 87 -5.05 16.14 -1.03
N HIS B 88 -4.63 17.38 -1.30
CA HIS B 88 -4.04 17.72 -2.58
CA HIS B 88 -4.04 17.72 -2.58
C HIS B 88 -2.79 18.56 -2.39
N LEU B 89 -1.76 18.25 -3.19
CA LEU B 89 -0.50 18.99 -3.20
C LEU B 89 0.08 18.92 -4.60
N GLU B 90 0.48 20.06 -5.15
CA GLU B 90 1.13 20.15 -6.45
C GLU B 90 0.25 19.57 -7.56
N GLY B 91 -1.07 19.73 -7.43
CA GLY B 91 -1.99 19.24 -8.43
C GLY B 91 -2.23 17.75 -8.41
N LYS B 92 -1.73 17.04 -7.40
CA LYS B 92 -1.90 15.60 -7.29
C LYS B 92 -2.82 15.26 -6.13
N VAL B 93 -3.44 14.09 -6.23
CA VAL B 93 -4.43 13.63 -5.25
C VAL B 93 -3.76 12.66 -4.29
N ILE B 94 -3.89 12.93 -2.99
CA ILE B 94 -3.32 12.08 -1.96
C ILE B 94 -4.47 11.52 -1.13
N LEU B 95 -4.61 10.20 -1.14
CA LEU B 95 -5.63 9.51 -0.36
C LEU B 95 -5.01 9.03 0.95
N VAL B 96 -5.57 9.48 2.07
CA VAL B 96 -5.02 9.23 3.40
C VAL B 96 -6.02 8.42 4.20
N ALA B 97 -5.50 7.42 4.92
CA ALA B 97 -6.28 6.64 5.87
C ALA B 97 -5.62 6.71 7.24
N VAL B 98 -6.43 6.85 8.29
CA VAL B 98 -5.93 6.99 9.65
CA VAL B 98 -5.92 6.98 9.65
C VAL B 98 -6.66 6.00 10.54
N HIS B 99 -5.89 5.27 11.36
CA HIS B 99 -6.46 4.41 12.40
C HIS B 99 -6.76 5.30 13.60
N VAL B 100 -8.05 5.47 13.90
CA VAL B 100 -8.47 6.53 14.82
C VAL B 100 -7.90 6.29 16.22
N ALA B 101 -7.89 5.05 16.68
CA ALA B 101 -7.49 4.77 18.06
C ALA B 101 -5.98 4.93 18.28
N SER B 102 -5.18 4.97 17.21
CA SER B 102 -3.73 5.02 17.35
C SER B 102 -3.06 6.17 16.63
N GLY B 103 -3.71 6.82 15.67
CA GLY B 103 -3.07 7.85 14.88
C GLY B 103 -2.21 7.33 13.75
N TYR B 104 -2.09 6.01 13.60
CA TYR B 104 -1.36 5.43 12.49
C TYR B 104 -1.99 5.83 11.16
N ILE B 105 -1.16 6.10 10.16
CA ILE B 105 -1.64 6.62 8.87
C ILE B 105 -1.07 5.80 7.73
N GLU B 106 -1.82 5.78 6.63
CA GLU B 106 -1.37 5.27 5.34
C GLU B 106 -1.83 6.22 4.26
N ALA B 107 -0.96 6.46 3.28
CA ALA B 107 -1.25 7.44 2.23
C ALA B 107 -0.69 6.94 0.90
N GLU B 108 -1.34 7.36 -0.18
CA GLU B 108 -0.91 6.99 -1.52
CA GLU B 108 -0.92 6.99 -1.53
C GLU B 108 -1.37 8.07 -2.50
N VAL B 109 -0.50 8.40 -3.45
CA VAL B 109 -0.83 9.35 -4.50
C VAL B 109 -1.52 8.59 -5.62
N ILE B 110 -2.78 8.91 -5.86
CA ILE B 110 -3.56 8.20 -6.88
C ILE B 110 -3.66 9.07 -8.13
N PRO B 111 -3.65 8.47 -9.32
CA PRO B 111 -3.70 9.29 -10.55
C PRO B 111 -5.02 10.02 -10.74
N ALA B 112 -6.10 9.55 -10.15
CA ALA B 112 -7.39 10.22 -10.26
C ALA B 112 -8.20 9.96 -8.99
N GLU B 113 -8.98 10.96 -8.60
CA GLU B 113 -9.79 10.88 -7.38
C GLU B 113 -11.15 10.26 -7.72
N THR B 114 -11.09 8.98 -8.09
CA THR B 114 -12.26 8.24 -8.54
C THR B 114 -12.56 7.12 -7.56
N GLY B 115 -13.76 6.55 -7.71
CA GLY B 115 -14.14 5.40 -6.89
C GLY B 115 -13.31 4.17 -7.21
N GLN B 116 -12.84 4.06 -8.45
CA GLN B 116 -12.01 2.92 -8.82
CA GLN B 116 -12.01 2.91 -8.82
C GLN B 116 -10.68 2.94 -8.09
N GLU B 117 -10.05 4.11 -8.02
CA GLU B 117 -8.79 4.23 -7.27
C GLU B 117 -9.03 4.14 -5.77
N THR B 118 -10.16 4.65 -5.30
CA THR B 118 -10.46 4.58 -3.87
C THR B 118 -10.75 3.15 -3.44
N ALA B 119 -11.51 2.40 -4.25
CA ALA B 119 -11.83 1.02 -3.90
C ALA B 119 -10.57 0.15 -3.90
N TYR B 120 -9.67 0.36 -4.86
CA TYR B 120 -8.43 -0.40 -4.88
C TYR B 120 -7.59 -0.10 -3.64
N PHE B 121 -7.59 1.16 -3.20
CA PHE B 121 -6.89 1.52 -1.97
C PHE B 121 -7.48 0.80 -0.77
N LEU B 122 -8.81 0.68 -0.71
CA LEU B 122 -9.45 0.01 0.42
C LEU B 122 -9.17 -1.49 0.42
N LEU B 123 -9.13 -2.11 -0.75
CA LEU B 123 -8.84 -3.54 -0.83
C LEU B 123 -7.45 -3.85 -0.30
N LYS B 124 -6.47 -2.99 -0.61
CA LYS B 124 -5.13 -3.17 -0.06
C LYS B 124 -5.13 -2.97 1.45
N LEU B 125 -5.85 -1.95 1.94
CA LEU B 125 -5.86 -1.68 3.37
C LEU B 125 -6.57 -2.79 4.13
N ALA B 126 -7.68 -3.31 3.60
CA ALA B 126 -8.44 -4.34 4.29
C ALA B 126 -7.66 -5.65 4.39
N GLY B 127 -6.77 -5.90 3.43
CA GLY B 127 -5.93 -7.08 3.50
C GLY B 127 -4.79 -6.99 4.48
N ARG B 128 -4.51 -5.80 5.00
CA ARG B 128 -3.43 -5.59 5.97
C ARG B 128 -3.92 -5.50 7.40
N TRP B 129 -5.02 -4.78 7.63
CA TRP B 129 -5.55 -4.53 8.96
C TRP B 129 -6.99 -5.01 9.06
N PRO B 130 -7.48 -5.30 10.26
CA PRO B 130 -8.91 -5.61 10.43
C PRO B 130 -9.78 -4.38 10.30
N VAL B 131 -10.07 -4.00 9.05
CA VAL B 131 -10.86 -2.81 8.77
C VAL B 131 -12.34 -3.17 8.93
N LYS B 132 -12.97 -2.63 9.97
CA LYS B 132 -14.37 -2.91 10.26
C LYS B 132 -15.29 -1.76 9.86
N THR B 133 -14.88 -0.51 10.12
CA THR B 133 -15.70 0.64 9.79
C THR B 133 -14.82 1.74 9.23
N VAL B 134 -15.27 2.35 8.13
CA VAL B 134 -14.57 3.47 7.51
C VAL B 134 -15.49 4.69 7.55
N HIS B 135 -14.96 5.81 8.01
CA HIS B 135 -15.69 7.08 8.07
CA HIS B 135 -15.69 7.07 8.06
C HIS B 135 -15.10 8.03 7.04
N THR B 136 -15.95 8.50 6.13
CA THR B 136 -15.54 9.44 5.10
C THR B 136 -16.58 10.56 5.01
N ASP B 137 -16.23 11.60 4.25
CA ASP B 137 -17.20 12.64 3.93
C ASP B 137 -18.04 12.18 2.73
N ASN B 138 -18.84 13.07 2.17
CA ASN B 138 -19.71 12.74 1.05
C ASN B 138 -19.02 12.90 -0.30
N GLY B 139 -17.71 12.69 -0.37
CA GLY B 139 -17.02 12.77 -1.64
C GLY B 139 -17.55 11.73 -2.61
N SER B 140 -17.66 12.12 -3.89
CA SER B 140 -18.25 11.23 -4.88
C SER B 140 -17.45 9.94 -5.05
N ASN B 141 -16.15 9.98 -4.79
CA ASN B 141 -15.34 8.77 -4.87
C ASN B 141 -15.64 7.83 -3.69
N PHE B 142 -16.02 8.39 -2.54
CA PHE B 142 -16.31 7.55 -1.38
C PHE B 142 -17.72 6.99 -1.42
N THR B 143 -18.66 7.68 -2.07
CA THR B 143 -20.02 7.20 -2.22
C THR B 143 -20.25 6.42 -3.52
N SER B 144 -19.18 6.16 -4.27
CA SER B 144 -19.31 5.50 -5.55
C SER B 144 -19.73 4.04 -5.39
N THR B 145 -20.27 3.48 -6.47
CA THR B 145 -20.68 2.08 -6.46
C THR B 145 -19.49 1.15 -6.34
N THR B 146 -18.36 1.51 -6.94
CA THR B 146 -17.19 0.64 -6.89
C THR B 146 -16.67 0.48 -5.46
N VAL B 147 -16.76 1.54 -4.66
CA VAL B 147 -16.33 1.45 -3.27
C VAL B 147 -17.30 0.62 -2.45
N LYS B 148 -18.61 0.76 -2.73
CA LYS B 148 -19.60 -0.06 -2.03
C LYS B 148 -19.36 -1.54 -2.27
N ALA B 149 -18.99 -1.90 -3.50
CA ALA B 149 -18.72 -3.31 -3.81
C ALA B 149 -17.47 -3.80 -3.08
N ALA B 150 -16.45 -2.95 -2.96
CA ALA B 150 -15.25 -3.35 -2.25
C ALA B 150 -15.52 -3.52 -0.76
N CYS B 151 -16.25 -2.57 -0.17
CA CYS B 151 -16.58 -2.68 1.25
C CYS B 151 -17.48 -3.87 1.53
N TRP B 152 -18.37 -4.19 0.60
CA TRP B 152 -19.24 -5.34 0.78
C TRP B 152 -18.45 -6.65 0.69
N TRP B 153 -17.53 -6.75 -0.26
CA TRP B 153 -16.73 -7.96 -0.40
C TRP B 153 -15.79 -8.15 0.78
N ALA B 154 -15.21 -7.05 1.29
CA ALA B 154 -14.28 -7.11 2.40
C ALA B 154 -14.97 -7.04 3.76
N GLY B 155 -16.29 -6.90 3.79
CA GLY B 155 -17.01 -6.85 5.05
C GLY B 155 -16.75 -5.58 5.83
N ILE B 156 -16.81 -4.44 5.14
CA ILE B 156 -16.52 -3.14 5.74
C ILE B 156 -17.82 -2.34 5.77
N LYS B 157 -18.10 -1.74 6.92
CA LYS B 157 -19.24 -0.86 7.09
C LYS B 157 -18.82 0.58 6.83
N GLN B 158 -19.65 1.30 6.06
CA GLN B 158 -19.36 2.68 5.71
C GLN B 158 -20.23 3.63 6.52
N GLU B 159 -19.62 4.68 7.03
CA GLU B 159 -20.31 5.73 7.79
C GLU B 159 -19.96 7.08 7.18
N PHE B 160 -20.97 7.94 7.04
CA PHE B 160 -20.78 9.24 6.43
C PHE B 160 -21.21 10.35 7.38
N GLY B 170 -12.85 15.12 13.27
CA GLY B 170 -11.78 16.05 12.94
C GLY B 170 -10.39 15.44 13.04
N VAL B 171 -10.34 14.11 13.17
CA VAL B 171 -9.06 13.43 13.28
C VAL B 171 -8.35 13.39 11.94
N ILE B 172 -9.08 13.07 10.87
CA ILE B 172 -8.46 12.98 9.55
C ILE B 172 -8.10 14.37 9.03
N GLU B 173 -8.91 15.38 9.34
CA GLU B 173 -8.58 16.73 8.90
C GLU B 173 -7.32 17.24 9.59
N SER B 174 -7.18 16.97 10.89
CA SER B 174 -5.97 17.34 11.61
C SER B 174 -4.77 16.55 11.11
N MET B 175 -5.00 15.36 10.55
CA MET B 175 -3.90 14.53 10.08
C MET B 175 -3.41 14.95 8.70
N ASN B 176 -4.31 15.45 7.86
CA ASN B 176 -3.90 15.95 6.55
C ASN B 176 -2.95 17.14 6.69
N LYS B 177 -3.25 18.04 7.63
CA LYS B 177 -2.37 19.17 7.86
C LYS B 177 -1.05 18.72 8.48
N GLU B 178 -1.10 17.73 9.37
CA GLU B 178 0.12 17.17 9.94
C GLU B 178 0.96 16.50 8.86
N LEU B 179 0.30 15.75 7.96
CA LEU B 179 1.02 15.11 6.86
C LEU B 179 1.61 16.16 5.92
N LYS B 180 0.82 17.18 5.58
CA LYS B 180 1.31 18.25 4.71
C LYS B 180 2.51 18.95 5.31
N LYS B 181 2.56 19.07 6.64
CA LYS B 181 3.67 19.78 7.27
C LYS B 181 4.97 18.98 7.18
N ILE B 182 4.91 17.67 7.43
CA ILE B 182 6.11 16.85 7.32
C ILE B 182 6.59 16.78 5.88
N ILE B 183 5.65 16.78 4.92
CA ILE B 183 6.03 16.77 3.50
C ILE B 183 6.83 18.01 3.16
N GLY B 184 6.38 19.18 3.61
CA GLY B 184 7.09 20.41 3.32
C GLY B 184 8.48 20.47 3.93
N GLN B 185 8.69 19.77 5.04
CA GLN B 185 10.00 19.76 5.67
C GLN B 185 10.99 18.87 4.94
N VAL B 186 10.51 17.86 4.22
CA VAL B 186 11.36 16.89 3.53
C VAL B 186 11.17 16.94 2.01
N ARG B 187 10.45 17.95 1.51
CA ARG B 187 10.10 17.96 0.10
C ARG B 187 11.34 18.08 -0.80
N ASP B 188 12.30 18.92 -0.41
CA ASP B 188 13.47 19.17 -1.24
C ASP B 188 14.45 18.01 -1.25
N GLN B 189 14.20 16.94 -0.48
CA GLN B 189 15.10 15.80 -0.45
C GLN B 189 14.77 14.74 -1.49
N ALA B 190 13.66 14.90 -2.23
CA ALA B 190 13.26 13.94 -3.23
C ALA B 190 12.67 14.68 -4.42
N GLU B 191 12.77 14.06 -5.60
CA GLU B 191 12.23 14.66 -6.80
C GLU B 191 10.70 14.53 -6.85
N HIS B 192 10.19 13.35 -6.56
CA HIS B 192 8.77 13.08 -6.70
C HIS B 192 8.03 13.36 -5.40
N LEU B 193 6.83 13.92 -5.53
CA LEU B 193 5.99 14.19 -4.36
C LEU B 193 5.62 12.90 -3.65
N LYS B 194 5.33 11.85 -4.40
CA LYS B 194 4.93 10.58 -3.79
C LYS B 194 6.03 10.01 -2.90
N THR B 195 7.29 10.27 -3.23
CA THR B 195 8.38 9.84 -2.36
C THR B 195 8.36 10.62 -1.04
N ALA B 196 8.17 11.94 -1.10
CA ALA B 196 8.09 12.74 0.12
C ALA B 196 6.87 12.37 0.95
N VAL B 197 5.78 11.95 0.30
CA VAL B 197 4.58 11.54 1.04
C VAL B 197 4.89 10.33 1.91
N GLN B 198 5.57 9.33 1.33
CA GLN B 198 5.87 8.12 2.09
C GLN B 198 6.96 8.36 3.12
N MET B 199 7.87 9.29 2.85
CA MET B 199 8.81 9.71 3.89
C MET B 199 8.07 10.35 5.06
N ALA B 200 7.04 11.16 4.77
CA ALA B 200 6.27 11.79 5.83
C ALA B 200 5.43 10.77 6.59
N VAL B 201 4.86 9.79 5.88
CA VAL B 201 4.12 8.72 6.55
C VAL B 201 5.05 7.91 7.46
N PHE B 202 6.27 7.64 6.98
CA PHE B 202 7.26 6.95 7.80
C PHE B 202 7.59 7.74 9.05
N ILE B 203 7.82 9.04 8.90
CA ILE B 203 8.21 9.88 10.03
C ILE B 203 7.09 9.96 11.06
N HIS B 204 5.85 10.07 10.60
CA HIS B 204 4.73 10.19 11.53
C HIS B 204 4.52 8.91 12.33
N ASN B 205 4.60 7.75 11.66
CA ASN B 205 4.29 6.48 12.32
C ASN B 205 5.39 6.02 13.26
N LYS B 206 6.61 6.52 13.12
CA LYS B 206 7.73 6.06 13.93
C LYS B 206 8.06 6.97 15.10
N LYS B 207 7.50 8.17 15.14
CA LYS B 207 7.83 9.12 16.20
C LYS B 207 7.10 8.76 17.49
N ARG B 208 7.86 8.61 18.57
CA ARG B 208 7.27 8.33 19.87
C ARG B 208 6.75 9.60 20.52
N LYS B 209 5.86 9.42 21.50
CA LYS B 209 5.21 10.55 22.15
C LYS B 209 6.23 11.49 22.80
N GLY B 210 7.13 10.94 23.61
CA GLY B 210 8.14 11.74 24.26
C GLY B 210 9.01 10.94 25.21
N GLY B 214 5.98 6.02 26.35
CA GLY B 214 6.23 6.61 25.05
C GLY B 214 6.22 5.62 23.92
N TYR B 215 5.20 5.70 23.06
CA TYR B 215 5.04 4.79 21.93
C TYR B 215 4.68 5.59 20.70
N SER B 216 5.03 5.04 19.54
CA SER B 216 4.69 5.65 18.26
C SER B 216 3.31 5.16 17.79
N ALA B 217 2.78 5.85 16.78
CA ALA B 217 1.49 5.45 16.23
C ALA B 217 1.57 4.07 15.60
N GLY B 218 2.70 3.74 14.96
CA GLY B 218 2.85 2.42 14.40
C GLY B 218 2.92 1.33 15.45
N GLU B 219 3.49 1.64 16.62
CA GLU B 219 3.53 0.67 17.71
C GLU B 219 2.16 0.52 18.36
N ARG B 220 1.38 1.61 18.43
CA ARG B 220 0.10 1.55 19.11
C ARG B 220 -0.90 0.68 18.35
N ILE B 221 -0.97 0.84 17.02
CA ILE B 221 -1.95 0.08 16.24
C ILE B 221 -1.65 -1.41 16.30
N VAL B 222 -0.36 -1.77 16.28
CA VAL B 222 0.02 -3.16 16.43
C VAL B 222 -0.33 -3.66 17.83
N ASP B 223 -0.17 -2.79 18.83
CA ASP B 223 -0.52 -3.16 20.20
C ASP B 223 -2.03 -3.29 20.37
N ILE B 224 -2.80 -2.36 19.79
CA ILE B 224 -4.24 -2.38 19.98
C ILE B 224 -4.87 -3.58 19.28
N ILE B 225 -4.38 -3.92 18.09
CA ILE B 225 -4.99 -5.00 17.32
C ILE B 225 -4.64 -6.35 17.93
N ALA B 226 -3.40 -6.52 18.40
CA ALA B 226 -2.99 -7.79 18.99
C ALA B 226 -3.77 -8.08 20.26
N THR B 227 -4.08 -7.04 21.05
CA THR B 227 -4.89 -7.25 22.25
C THR B 227 -6.32 -7.64 21.88
N ASP B 228 -6.82 -7.17 20.75
CA ASP B 228 -8.18 -7.51 20.34
C ASP B 228 -8.29 -8.97 19.90
N ILE B 229 -7.19 -9.56 19.46
CA ILE B 229 -7.19 -10.96 19.02
C ILE B 229 -7.46 -11.88 20.20
N ASN C 4 -26.02 -11.92 1.60
CA ASN C 4 -24.99 -12.89 1.24
C ASN C 4 -24.40 -12.56 -0.12
N PHE C 5 -25.27 -12.41 -1.12
CA PHE C 5 -24.87 -12.04 -2.47
C PHE C 5 -25.45 -10.69 -2.84
N ARG C 6 -24.66 -9.90 -3.57
CA ARG C 6 -25.11 -8.63 -4.11
C ARG C 6 -24.61 -8.49 -5.54
N VAL C 7 -25.47 -7.98 -6.42
CA VAL C 7 -25.20 -7.90 -7.85
C VAL C 7 -25.01 -6.44 -8.25
N TYR C 8 -23.92 -6.17 -8.95
CA TYR C 8 -23.65 -4.86 -9.54
C TYR C 8 -23.61 -5.01 -11.06
N TYR C 9 -24.19 -4.05 -11.76
CA TYR C 9 -24.47 -4.23 -13.18
C TYR C 9 -24.40 -2.89 -13.90
N ARG C 10 -24.42 -2.96 -15.24
CA ARG C 10 -24.47 -1.81 -16.12
C ARG C 10 -25.67 -1.96 -17.05
N ASP C 11 -26.32 -0.85 -17.37
CA ASP C 11 -27.46 -0.89 -18.28
C ASP C 11 -27.01 -0.74 -19.73
N ASP C 14 -25.30 3.18 -20.35
CA ASP C 14 -24.70 3.85 -19.20
C ASP C 14 -23.53 3.03 -18.65
N PRO C 15 -22.31 3.56 -18.78
CA PRO C 15 -21.14 2.84 -18.26
C PRO C 15 -21.01 2.88 -16.75
N VAL C 16 -21.78 3.73 -16.06
CA VAL C 16 -21.70 3.81 -14.61
C VAL C 16 -22.26 2.54 -14.00
N TRP C 17 -21.52 1.95 -13.08
CA TRP C 17 -21.95 0.71 -12.44
C TRP C 17 -23.11 0.98 -11.49
N LYS C 18 -24.17 0.20 -11.64
CA LYS C 18 -25.37 0.29 -10.81
C LYS C 18 -25.34 -0.78 -9.72
N GLY C 19 -26.11 -0.53 -8.66
CA GLY C 19 -26.21 -1.48 -7.57
C GLY C 19 -26.07 -0.81 -6.21
N PRO C 20 -26.10 -1.62 -5.15
CA PRO C 20 -26.26 -3.08 -5.14
C PRO C 20 -27.70 -3.53 -5.36
N ALA C 21 -27.89 -4.64 -6.05
CA ALA C 21 -29.21 -5.20 -6.30
C ALA C 21 -29.30 -6.61 -5.73
N LYS C 22 -30.53 -7.07 -5.52
CA LYS C 22 -30.77 -8.39 -4.96
C LYS C 22 -30.71 -9.43 -6.06
N LEU C 23 -29.99 -10.53 -5.79
CA LEU C 23 -29.88 -11.63 -6.74
C LEU C 23 -31.14 -12.49 -6.64
N LEU C 24 -31.96 -12.47 -7.69
CA LEU C 24 -33.16 -13.30 -7.73
C LEU C 24 -32.90 -14.65 -8.37
N GLU C 25 -32.17 -14.69 -9.47
CA GLU C 25 -31.88 -15.94 -10.17
C GLU C 25 -30.66 -15.76 -11.06
N LYS C 26 -29.85 -16.81 -11.15
CA LYS C 26 -28.64 -16.82 -11.96
C LYS C 26 -28.79 -17.85 -13.06
N GLY C 27 -28.93 -17.38 -14.30
CA GLY C 27 -28.95 -18.26 -15.46
C GLY C 27 -27.57 -18.43 -16.07
N GLU C 28 -27.53 -19.21 -17.15
CA GLU C 28 -26.27 -19.46 -17.83
C GLU C 28 -25.86 -18.32 -18.76
N GLY C 29 -26.80 -17.46 -19.15
CA GLY C 29 -26.50 -16.37 -20.04
C GLY C 29 -26.93 -15.01 -19.52
N ALA C 30 -27.72 -15.00 -18.45
CA ALA C 30 -28.22 -13.77 -17.87
C ALA C 30 -28.53 -13.98 -16.40
N VAL C 31 -28.67 -12.87 -15.68
CA VAL C 31 -29.05 -12.89 -14.27
C VAL C 31 -30.28 -12.02 -14.10
N VAL C 32 -31.18 -12.47 -13.22
CA VAL C 32 -32.39 -11.73 -12.89
C VAL C 32 -32.18 -11.09 -11.53
N ILE C 33 -32.33 -9.76 -11.47
CA ILE C 33 -32.05 -9.00 -10.27
C ILE C 33 -33.24 -8.10 -9.97
N GLN C 34 -33.25 -7.57 -8.75
CA GLN C 34 -34.26 -6.61 -8.31
C GLN C 34 -33.55 -5.41 -7.71
N ASP C 35 -33.50 -4.31 -8.45
CA ASP C 35 -32.96 -3.05 -7.93
C ASP C 35 -34.14 -2.21 -7.46
N ASN C 36 -34.20 -1.95 -6.16
CA ASN C 36 -35.32 -1.25 -5.54
C ASN C 36 -36.60 -2.04 -5.74
N SER C 37 -37.51 -1.53 -6.56
CA SER C 37 -38.76 -2.21 -6.87
C SER C 37 -38.83 -2.69 -8.32
N ASP C 38 -37.75 -2.55 -9.08
CA ASP C 38 -37.73 -2.90 -10.49
C ASP C 38 -37.00 -4.23 -10.69
N ILE C 39 -37.61 -5.11 -11.48
CA ILE C 39 -36.98 -6.38 -11.85
C ILE C 39 -36.25 -6.20 -13.17
N LYS C 40 -34.98 -6.60 -13.20
CA LYS C 40 -34.15 -6.44 -14.38
C LYS C 40 -33.50 -7.76 -14.76
N VAL C 41 -33.34 -7.95 -16.07
CA VAL C 41 -32.63 -9.09 -16.63
C VAL C 41 -31.35 -8.57 -17.27
N VAL C 42 -30.20 -8.96 -16.72
CA VAL C 42 -28.91 -8.44 -17.15
C VAL C 42 -28.05 -9.59 -17.66
N PRO C 43 -27.36 -9.42 -18.80
CA PRO C 43 -26.44 -10.48 -19.26
C PRO C 43 -25.34 -10.73 -18.25
N ARG C 44 -24.74 -11.93 -18.35
CA ARG C 44 -23.68 -12.32 -17.43
C ARG C 44 -22.46 -11.39 -17.55
N ARG C 45 -22.13 -10.98 -18.78
CA ARG C 45 -20.95 -10.17 -19.01
C ARG C 45 -21.07 -8.77 -18.41
N LYS C 46 -22.29 -8.28 -18.20
CA LYS C 46 -22.51 -6.93 -17.69
C LYS C 46 -22.96 -6.93 -16.23
N ALA C 47 -22.69 -8.00 -15.49
CA ALA C 47 -23.09 -8.10 -14.10
C ALA C 47 -21.95 -8.65 -13.26
N LYS C 48 -21.91 -8.24 -12.00
CA LYS C 48 -20.91 -8.70 -11.04
C LYS C 48 -21.64 -9.14 -9.77
N ILE C 49 -21.65 -10.44 -9.52
CA ILE C 49 -22.31 -11.01 -8.35
C ILE C 49 -21.24 -11.20 -7.28
N ILE C 50 -21.17 -10.26 -6.34
CA ILE C 50 -20.11 -10.21 -5.35
C ILE C 50 -20.64 -10.71 -4.02
N ARG C 51 -19.96 -11.70 -3.44
CA ARG C 51 -20.32 -12.24 -2.14
C ARG C 51 -19.58 -11.49 -1.03
N ASP C 52 -20.22 -11.41 0.13
CA ASP C 52 -19.61 -10.76 1.30
C ASP C 52 -18.56 -11.69 1.90
N TYR C 53 -17.42 -11.78 1.20
CA TYR C 53 -16.37 -12.71 1.61
C TYR C 53 -15.73 -12.29 2.92
N GLY C 54 -15.63 -10.98 3.17
CA GLY C 54 -14.97 -10.51 4.38
C GLY C 54 -15.60 -11.04 5.65
N LYS C 55 -16.92 -10.87 5.77
CA LYS C 55 -17.74 -11.36 6.88
C LYS C 55 -17.08 -11.26 8.25
N SER D 78 13.00 -14.04 13.43
CA SER D 78 13.08 -12.64 13.83
C SER D 78 11.88 -11.86 13.33
N PRO D 79 11.36 -10.95 14.15
CA PRO D 79 10.15 -10.20 13.77
C PRO D 79 10.38 -9.18 12.67
N GLY D 80 11.62 -8.93 12.25
CA GLY D 80 11.88 -7.87 11.28
C GLY D 80 12.53 -8.33 9.99
N ILE D 81 12.41 -9.61 9.67
CA ILE D 81 13.00 -10.18 8.45
C ILE D 81 11.90 -10.30 7.40
N TRP D 82 12.20 -9.83 6.19
CA TRP D 82 11.26 -9.88 5.07
C TRP D 82 11.96 -10.42 3.84
N GLN D 83 11.18 -11.04 2.95
CA GLN D 83 11.67 -11.51 1.66
C GLN D 83 10.86 -10.83 0.56
N LEU D 84 11.56 -10.31 -0.45
CA LEU D 84 10.95 -9.63 -1.58
C LEU D 84 11.40 -10.27 -2.88
N ASP D 85 10.46 -10.39 -3.83
CA ASP D 85 10.75 -10.92 -5.15
C ASP D 85 9.63 -10.51 -6.08
N CYS D 86 9.93 -10.51 -7.38
CA CYS D 86 8.97 -10.16 -8.41
C CYS D 86 8.48 -11.39 -9.13
N THR D 87 7.18 -11.44 -9.39
CA THR D 87 6.57 -12.47 -10.22
C THR D 87 5.75 -11.77 -11.31
N HIS D 88 5.37 -12.52 -12.34
CA HIS D 88 4.74 -11.95 -13.52
CA HIS D 88 4.74 -11.95 -13.52
C HIS D 88 3.45 -12.68 -13.87
N LEU D 89 2.43 -11.90 -14.21
CA LEU D 89 1.14 -12.41 -14.67
C LEU D 89 0.57 -11.40 -15.66
N GLU D 90 0.09 -11.88 -16.80
CA GLU D 90 -0.53 -11.04 -17.82
C GLU D 90 0.41 -9.92 -18.28
N GLY D 91 1.71 -10.24 -18.35
CA GLY D 91 2.69 -9.24 -18.75
C GLY D 91 2.91 -8.13 -17.76
N LYS D 92 2.37 -8.24 -16.56
CA LYS D 92 2.52 -7.23 -15.52
C LYS D 92 3.41 -7.76 -14.41
N VAL D 93 4.10 -6.83 -13.73
CA VAL D 93 5.08 -7.16 -12.70
C VAL D 93 4.43 -7.01 -11.34
N ILE D 94 4.47 -8.09 -10.55
CA ILE D 94 3.91 -8.11 -9.20
C ILE D 94 5.07 -8.21 -8.21
N LEU D 95 5.22 -7.19 -7.38
CA LEU D 95 6.25 -7.18 -6.35
C LEU D 95 5.64 -7.67 -5.04
N VAL D 96 6.18 -8.74 -4.49
CA VAL D 96 5.62 -9.42 -3.33
C VAL D 96 6.61 -9.30 -2.18
N ALA D 97 6.08 -9.00 -0.99
CA ALA D 97 6.85 -8.98 0.25
C ALA D 97 6.18 -9.90 1.25
N VAL D 98 6.96 -10.77 1.88
CA VAL D 98 6.45 -11.77 2.82
CA VAL D 98 6.44 -11.76 2.82
C VAL D 98 7.17 -11.62 4.15
N HIS D 99 6.41 -11.57 5.24
CA HIS D 99 6.96 -11.58 6.58
C HIS D 99 7.27 -13.04 6.95
N VAL D 100 8.56 -13.36 7.04
CA VAL D 100 8.99 -14.75 7.10
C VAL D 100 8.43 -15.46 8.32
N ALA D 101 8.46 -14.79 9.47
CA ALA D 101 8.05 -15.43 10.73
C ALA D 101 6.55 -15.69 10.80
N SER D 102 5.76 -15.05 9.93
CA SER D 102 4.30 -15.16 10.00
C SER D 102 3.63 -15.60 8.71
N GLY D 103 4.29 -15.46 7.56
CA GLY D 103 3.64 -15.75 6.29
C GLY D 103 2.77 -14.65 5.76
N TYR D 104 2.63 -13.55 6.50
CA TYR D 104 1.88 -12.39 6.01
C TYR D 104 2.54 -11.82 4.76
N ILE D 105 1.72 -11.44 3.78
CA ILE D 105 2.22 -10.99 2.49
C ILE D 105 1.63 -9.61 2.15
N GLU D 106 2.38 -8.87 1.35
CA GLU D 106 1.92 -7.64 0.71
C GLU D 106 2.41 -7.65 -0.72
N ALA D 107 1.53 -7.26 -1.64
CA ALA D 107 1.86 -7.29 -3.06
C ALA D 107 1.38 -6.02 -3.72
N GLU D 108 2.01 -5.68 -4.85
CA GLU D 108 1.64 -4.50 -5.61
CA GLU D 108 1.66 -4.49 -5.60
C GLU D 108 2.08 -4.70 -7.05
N VAL D 109 1.21 -4.31 -7.98
CA VAL D 109 1.53 -4.35 -9.40
C VAL D 109 2.24 -3.06 -9.76
N ILE D 110 3.53 -3.14 -10.05
CA ILE D 110 4.33 -1.97 -10.34
C ILE D 110 4.45 -1.80 -11.85
N PRO D 111 4.47 -0.56 -12.36
CA PRO D 111 4.49 -0.38 -13.82
C PRO D 111 5.79 -0.80 -14.48
N ALA D 112 6.87 -0.99 -13.71
CA ALA D 112 8.13 -1.42 -14.28
C ALA D 112 8.96 -2.09 -13.18
N GLU D 113 9.74 -3.08 -13.59
CA GLU D 113 10.60 -3.82 -12.65
C GLU D 113 11.95 -3.09 -12.52
N THR D 114 11.86 -1.91 -11.92
CA THR D 114 13.01 -1.02 -11.79
C THR D 114 13.33 -0.79 -10.31
N GLY D 115 14.51 -0.22 -10.06
CA GLY D 115 14.87 0.11 -8.70
C GLY D 115 14.05 1.23 -8.12
N GLN D 116 13.59 2.16 -8.96
CA GLN D 116 12.77 3.26 -8.49
C GLN D 116 11.43 2.74 -7.97
N GLU D 117 10.77 1.86 -8.74
CA GLU D 117 9.51 1.29 -8.29
C GLU D 117 9.71 0.40 -7.07
N THR D 118 10.83 -0.33 -7.03
CA THR D 118 11.11 -1.19 -5.88
C THR D 118 11.38 -0.36 -4.63
N ALA D 119 12.12 0.75 -4.77
CA ALA D 119 12.43 1.57 -3.60
C ALA D 119 11.17 2.22 -3.04
N TYR D 120 10.28 2.68 -3.92
CA TYR D 120 9.03 3.29 -3.45
C TYR D 120 8.17 2.27 -2.71
N PHE D 121 8.18 1.02 -3.17
CA PHE D 121 7.47 -0.05 -2.48
C PHE D 121 8.06 -0.28 -1.09
N LEU D 122 9.39 -0.27 -0.97
CA LEU D 122 10.03 -0.47 0.32
C LEU D 122 9.75 0.69 1.26
N LEU D 123 9.70 1.92 0.74
CA LEU D 123 9.41 3.06 1.59
C LEU D 123 8.02 2.97 2.20
N LYS D 124 7.05 2.50 1.42
CA LYS D 124 5.71 2.28 1.95
C LYS D 124 5.72 1.15 2.98
N LEU D 125 6.45 0.07 2.69
CA LEU D 125 6.50 -1.06 3.60
C LEU D 125 7.19 -0.69 4.91
N ALA D 126 8.29 0.07 4.82
CA ALA D 126 9.02 0.44 6.02
C ALA D 126 8.19 1.34 6.93
N GLY D 127 7.37 2.22 6.36
CA GLY D 127 6.47 3.02 7.17
C GLY D 127 5.32 2.23 7.75
N ARG D 128 5.16 0.97 7.36
CA ARG D 128 4.06 0.11 7.79
C ARG D 128 4.48 -0.83 8.91
N TRP D 129 5.61 -1.51 8.75
CA TRP D 129 6.08 -2.52 9.68
C TRP D 129 7.52 -2.23 10.07
N PRO D 130 8.00 -2.77 11.20
CA PRO D 130 9.42 -2.64 11.54
C PRO D 130 10.30 -3.50 10.65
N VAL D 131 10.63 -3.01 9.46
CA VAL D 131 11.45 -3.75 8.51
C VAL D 131 12.91 -3.52 8.86
N LYS D 132 13.58 -4.59 9.31
CA LYS D 132 14.99 -4.54 9.68
C LYS D 132 15.91 -5.20 8.66
N THR D 133 15.47 -6.31 8.05
CA THR D 133 16.28 -7.02 7.07
C THR D 133 15.39 -7.48 5.92
N VAL D 134 15.84 -7.26 4.69
CA VAL D 134 15.16 -7.72 3.49
C VAL D 134 16.06 -8.68 2.75
N HIS D 135 15.52 -9.84 2.37
CA HIS D 135 16.25 -10.86 1.64
C HIS D 135 15.70 -10.94 0.22
N THR D 136 16.55 -10.71 -0.76
CA THR D 136 16.16 -10.76 -2.17
C THR D 136 17.21 -11.55 -2.95
N ASP D 137 16.89 -11.81 -4.21
CA ASP D 137 17.86 -12.39 -5.13
C ASP D 137 18.72 -11.26 -5.69
N ASN D 138 19.53 -11.57 -6.71
CA ASN D 138 20.41 -10.58 -7.32
C ASN D 138 19.78 -9.86 -8.50
N GLY D 139 18.47 -9.64 -8.47
CA GLY D 139 17.85 -8.86 -9.53
C GLY D 139 18.36 -7.43 -9.54
N SER D 140 18.51 -6.88 -10.75
CA SER D 140 19.11 -5.56 -10.88
C SER D 140 18.31 -4.49 -10.17
N ASN D 141 16.99 -4.68 -10.02
CA ASN D 141 16.19 -3.71 -9.29
C ASN D 141 16.47 -3.76 -7.80
N PHE D 142 16.79 -4.94 -7.26
CA PHE D 142 17.06 -5.06 -5.83
C PHE D 142 18.47 -4.62 -5.47
N THR D 143 19.41 -4.73 -6.39
CA THR D 143 20.79 -4.29 -6.17
C THR D 143 21.04 -2.87 -6.68
N SER D 144 19.99 -2.16 -7.08
CA SER D 144 20.15 -0.83 -7.64
C SER D 144 20.52 0.18 -6.55
N THR D 145 21.08 1.31 -6.99
CA THR D 145 21.45 2.37 -6.04
C THR D 145 20.22 3.01 -5.41
N THR D 146 19.11 3.10 -6.15
CA THR D 146 17.91 3.72 -5.62
C THR D 146 17.36 2.92 -4.44
N VAL D 147 17.45 1.59 -4.51
CA VAL D 147 16.98 0.76 -3.40
C VAL D 147 17.95 0.83 -2.23
N LYS D 148 19.26 0.89 -2.51
CA LYS D 148 20.24 1.05 -1.45
C LYS D 148 20.04 2.36 -0.72
N ALA D 149 19.67 3.42 -1.44
CA ALA D 149 19.40 4.70 -0.80
C ALA D 149 18.16 4.63 0.07
N ALA D 150 17.14 3.89 -0.38
CA ALA D 150 15.92 3.74 0.41
C ALA D 150 16.18 2.92 1.66
N CYS D 151 16.93 1.83 1.53
CA CYS D 151 17.21 0.98 2.69
C CYS D 151 18.06 1.70 3.72
N TRP D 152 18.95 2.59 3.29
CA TRP D 152 19.75 3.36 4.24
C TRP D 152 18.89 4.36 4.99
N TRP D 153 18.04 5.09 4.27
CA TRP D 153 17.21 6.10 4.91
C TRP D 153 16.25 5.48 5.93
N ALA D 154 15.68 4.34 5.59
CA ALA D 154 14.79 3.62 6.50
C ALA D 154 15.52 2.73 7.48
N GLY D 155 16.85 2.63 7.37
CA GLY D 155 17.62 1.78 8.26
C GLY D 155 17.37 0.30 8.03
N ILE D 156 17.42 -0.14 6.77
CA ILE D 156 17.12 -1.51 6.39
C ILE D 156 18.42 -2.17 5.93
N LYS D 157 18.69 -3.36 6.47
CA LYS D 157 19.82 -4.17 6.04
C LYS D 157 19.39 -5.10 4.92
N GLN D 158 20.23 -5.20 3.89
CA GLN D 158 19.93 -6.02 2.72
C GLN D 158 20.78 -7.28 2.73
N GLU D 159 20.13 -8.41 2.41
CA GLU D 159 20.80 -9.69 2.30
C GLU D 159 20.46 -10.30 0.94
N PHE D 160 21.46 -10.88 0.29
CA PHE D 160 21.29 -11.47 -1.03
C PHE D 160 21.67 -12.94 -1.03
N GLN D 169 14.54 -17.24 -0.43
CA GLN D 169 14.62 -18.45 -1.24
C GLN D 169 13.29 -19.20 -1.25
N GLY D 170 13.19 -20.22 -0.38
CA GLY D 170 12.03 -21.10 -0.40
C GLY D 170 10.72 -20.39 -0.08
N VAL D 171 10.75 -19.51 0.92
CA VAL D 171 9.51 -18.91 1.41
C VAL D 171 8.85 -18.07 0.32
N ILE D 172 9.59 -17.12 -0.25
CA ILE D 172 9.00 -16.22 -1.25
C ILE D 172 8.72 -16.98 -2.55
N GLU D 173 9.59 -17.94 -2.90
CA GLU D 173 9.34 -18.76 -4.08
C GLU D 173 8.07 -19.59 -3.91
N SER D 174 7.88 -20.16 -2.72
CA SER D 174 6.65 -20.90 -2.46
C SER D 174 5.46 -19.98 -2.34
N MET D 175 5.68 -18.72 -1.96
CA MET D 175 4.58 -17.78 -1.80
C MET D 175 4.12 -17.21 -3.14
N ASN D 176 5.04 -17.06 -4.11
CA ASN D 176 4.63 -16.62 -5.44
C ASN D 176 3.69 -17.62 -6.09
N LYS D 177 3.93 -18.92 -5.87
CA LYS D 177 3.04 -19.94 -6.41
C LYS D 177 1.70 -19.94 -5.70
N GLU D 178 1.72 -19.78 -4.37
CA GLU D 178 0.47 -19.74 -3.61
C GLU D 178 -0.36 -18.51 -3.99
N LEU D 179 0.29 -17.36 -4.16
CA LEU D 179 -0.43 -16.16 -4.57
C LEU D 179 -1.03 -16.35 -5.97
N LYS D 180 -0.24 -16.88 -6.90
CA LYS D 180 -0.75 -17.13 -8.25
C LYS D 180 -1.90 -18.11 -8.25
N LYS D 181 -1.90 -19.07 -7.32
CA LYS D 181 -2.99 -20.04 -7.26
C LYS D 181 -4.30 -19.39 -6.83
N ILE D 182 -4.23 -18.48 -5.85
CA ILE D 182 -5.45 -17.81 -5.39
C ILE D 182 -5.95 -16.83 -6.44
N ILE D 183 -5.03 -16.16 -7.14
CA ILE D 183 -5.44 -15.23 -8.20
C ILE D 183 -6.18 -15.96 -9.30
N GLY D 184 -5.71 -17.16 -9.67
CA GLY D 184 -6.37 -17.92 -10.71
C GLY D 184 -7.77 -18.36 -10.34
N GLN D 185 -8.03 -18.54 -9.04
CA GLN D 185 -9.35 -18.94 -8.60
C GLN D 185 -10.34 -17.78 -8.61
N VAL D 186 -9.87 -16.55 -8.48
CA VAL D 186 -10.72 -15.37 -8.38
C VAL D 186 -10.51 -14.41 -9.55
N ARG D 187 -9.74 -14.81 -10.56
CA ARG D 187 -9.38 -13.88 -11.64
C ARG D 187 -10.61 -13.41 -12.40
N ASP D 188 -11.54 -14.32 -12.69
CA ASP D 188 -12.74 -13.98 -13.45
C ASP D 188 -13.71 -13.11 -12.67
N GLN D 189 -13.44 -12.83 -11.39
CA GLN D 189 -14.31 -12.00 -10.58
C GLN D 189 -14.01 -10.51 -10.70
N ALA D 190 -12.95 -10.13 -11.40
CA ALA D 190 -12.56 -8.74 -11.54
C ALA D 190 -12.02 -8.49 -12.93
N GLU D 191 -12.13 -7.23 -13.37
CA GLU D 191 -11.61 -6.86 -14.67
C GLU D 191 -10.08 -6.73 -14.64
N HIS D 192 -9.56 -6.03 -13.64
CA HIS D 192 -8.14 -5.73 -13.57
C HIS D 192 -7.38 -6.78 -12.77
N LEU D 193 -6.20 -7.13 -13.24
CA LEU D 193 -5.34 -8.06 -12.52
C LEU D 193 -4.98 -7.52 -11.14
N LYS D 194 -4.80 -6.20 -11.02
CA LYS D 194 -4.45 -5.63 -9.73
C LYS D 194 -5.56 -5.81 -8.70
N THR D 195 -6.82 -5.89 -9.15
CA THR D 195 -7.89 -6.17 -8.21
C THR D 195 -7.81 -7.61 -7.72
N ALA D 196 -7.50 -8.54 -8.62
CA ALA D 196 -7.40 -9.94 -8.22
C ALA D 196 -6.20 -10.18 -7.30
N VAL D 197 -5.10 -9.45 -7.48
CA VAL D 197 -3.94 -9.63 -6.62
CA VAL D 197 -3.95 -9.69 -6.60
C VAL D 197 -4.26 -9.23 -5.19
N GLN D 198 -4.99 -8.14 -5.02
CA GLN D 198 -5.32 -7.67 -3.67
C GLN D 198 -6.39 -8.53 -3.04
N MET D 199 -7.32 -9.06 -3.84
CA MET D 199 -8.26 -10.05 -3.31
C MET D 199 -7.52 -11.29 -2.84
N ALA D 200 -6.50 -11.72 -3.58
CA ALA D 200 -5.74 -12.89 -3.18
C ALA D 200 -4.90 -12.60 -1.94
N VAL D 201 -4.33 -11.39 -1.84
CA VAL D 201 -3.60 -11.01 -0.65
C VAL D 201 -4.53 -11.00 0.56
N PHE D 202 -5.74 -10.47 0.39
CA PHE D 202 -6.73 -10.50 1.46
C PHE D 202 -7.04 -11.93 1.88
N ILE D 203 -7.29 -12.80 0.90
CA ILE D 203 -7.66 -14.19 1.20
C ILE D 203 -6.53 -14.90 1.92
N HIS D 204 -5.29 -14.68 1.48
CA HIS D 204 -4.15 -15.36 2.09
C HIS D 204 -3.94 -14.91 3.53
N ASN D 205 -4.04 -13.60 3.79
CA ASN D 205 -3.75 -13.07 5.11
C ASN D 205 -4.86 -13.34 6.11
N LYS D 206 -6.09 -13.56 5.64
CA LYS D 206 -7.23 -13.80 6.53
C LYS D 206 -7.52 -15.27 6.77
N LYS D 207 -6.90 -16.18 6.02
CA LYS D 207 -7.15 -17.60 6.20
C LYS D 207 -6.47 -18.10 7.46
N ARG D 208 -7.23 -18.77 8.32
CA ARG D 208 -6.69 -19.29 9.57
C ARG D 208 -6.10 -20.68 9.38
N LYS D 209 -4.94 -20.90 9.99
CA LYS D 209 -4.21 -22.16 9.92
C LYS D 209 -3.96 -22.59 8.47
N GLY D 214 -7.14 -21.62 15.80
CA GLY D 214 -6.71 -21.16 14.50
C GLY D 214 -6.07 -19.79 14.52
N TYR D 215 -5.02 -19.63 13.72
CA TYR D 215 -4.27 -18.38 13.63
C TYR D 215 -4.02 -18.06 12.17
N SER D 216 -4.41 -16.84 11.75
CA SER D 216 -4.17 -16.41 10.39
C SER D 216 -2.84 -15.68 10.29
N ALA D 217 -2.35 -15.54 9.05
CA ALA D 217 -1.07 -14.88 8.83
C ALA D 217 -1.11 -13.43 9.25
N GLY D 218 -2.23 -12.74 9.00
CA GLY D 218 -2.36 -11.37 9.44
C GLY D 218 -2.38 -11.24 10.95
N GLU D 219 -2.97 -12.23 11.64
CA GLU D 219 -2.95 -12.22 13.10
C GLU D 219 -1.56 -12.53 13.65
N ARG D 220 -0.79 -13.36 12.94
CA ARG D 220 0.52 -13.75 13.44
C ARG D 220 1.50 -12.59 13.44
N ILE D 221 1.56 -11.84 12.34
CA ILE D 221 2.53 -10.75 12.25
C ILE D 221 2.22 -9.67 13.28
N VAL D 222 0.94 -9.38 13.50
CA VAL D 222 0.56 -8.42 14.53
C VAL D 222 0.92 -8.95 15.91
N ASP D 223 0.76 -10.27 16.12
CA ASP D 223 1.09 -10.85 17.41
C ASP D 223 2.61 -10.92 17.63
N ILE D 224 3.36 -11.27 16.59
CA ILE D 224 4.82 -11.37 16.72
C ILE D 224 5.43 -10.00 16.98
N ILE D 225 4.95 -8.97 16.28
CA ILE D 225 5.54 -7.65 16.41
C ILE D 225 5.14 -7.00 17.73
N ALA D 226 3.87 -7.17 18.13
CA ALA D 226 3.42 -6.58 19.39
C ALA D 226 4.11 -7.22 20.59
N THR D 227 4.42 -8.51 20.50
CA THR D 227 5.17 -9.17 21.58
C THR D 227 6.55 -8.56 21.73
N ASP D 228 7.17 -8.17 20.62
CA ASP D 228 8.48 -7.52 20.69
C ASP D 228 8.39 -6.11 21.24
N ILE D 229 7.27 -5.42 21.00
CA ILE D 229 7.10 -4.07 21.52
C ILE D 229 6.84 -4.10 23.03
N GLN D 230 5.92 -4.95 23.46
CA GLN D 230 5.50 -5.00 24.85
C GLN D 230 6.54 -5.63 25.77
N THR D 231 7.58 -6.24 25.22
CA THR D 231 8.62 -6.87 26.03
C THR D 231 9.98 -6.23 25.76
#